data_2YNR
#
_entry.id   2YNR
#
_cell.length_a   78.120
_cell.length_b   90.350
_cell.length_c   97.130
_cell.angle_alpha   90.00
_cell.angle_beta   90.00
_cell.angle_gamma   90.00
#
_symmetry.space_group_name_H-M   'P 21 21 21'
#
loop_
_entity.id
_entity.type
_entity.pdbx_description
1 polymer 'IMPORTIN SUBUNIT ALPHA'
2 polymer B54NLS
3 water water
#
loop_
_entity_poly.entity_id
_entity_poly.type
_entity_poly.pdbx_seq_one_letter_code
_entity_poly.pdbx_strand_id
1 'polypeptide(L)'
;GSGMKETAAAKFERQHMDSPDLGTDDDDKAMADIGSGTVNWSVEDIVKGINSNNLESQLQATQAARKLLSREKQPPIDNI
IRAGLIPKFVSFLGKTDCSPIQFESAWALTNIASGTSEQTKAVVDGGAIPAFISLLASPHAHISEQAVWALGNIAGDGSA
FRDLVIKHGAIDPLLALLAVPDLSTLACGYLRNLTWTLSNLCRNKNPAPPLDAVEQILPTLVRLLHHNDPEVLADSCWAI
SYLTDGPNERIEMVVKKGVVPQLVKLLGATELPIVTPALRAIGNIVTGTDEQTQKVIDAGALAVFPSLLTNPKTNIQKEA
TWTMSNITAGRQDQIQQVVNHGLVPFLVGVLSKADFKTQKEAAWAITNYTSGGTVEQIVYLVHCGIIEPLMNLLSAKDTK
IIQVILDAISNIFQAAEKLGETEKLSIMIEECGGLDKIEALQRHENESVYKASLNLIEKYF
;
A
2 'polypeptide(L)' SVLGKRKRHPKV B,C
#
# COMPACT_ATOMS: atom_id res chain seq x y z
N GLY A 37 39.21 -17.44 8.78
CA GLY A 37 38.50 -18.11 9.86
C GLY A 37 37.26 -18.83 9.37
N THR A 38 36.15 -18.07 9.22
CA THR A 38 34.85 -18.59 8.78
C THR A 38 34.42 -17.90 7.45
N VAL A 39 35.40 -17.43 6.67
CA VAL A 39 35.16 -16.73 5.39
C VAL A 39 35.56 -17.64 4.19
N ASN A 40 34.76 -17.57 3.11
CA ASN A 40 34.89 -18.23 1.80
C ASN A 40 34.95 -19.77 1.90
N TRP A 41 34.18 -20.35 2.83
CA TRP A 41 34.05 -21.81 2.96
C TRP A 41 33.17 -22.35 1.85
N SER A 42 33.36 -23.62 1.51
CA SER A 42 32.52 -24.33 0.54
C SER A 42 31.36 -24.96 1.30
N VAL A 43 30.29 -25.34 0.59
CA VAL A 43 29.13 -25.98 1.21
C VAL A 43 29.56 -27.31 1.86
N GLU A 44 30.47 -28.07 1.19
CA GLU A 44 30.94 -29.37 1.71
C GLU A 44 31.72 -29.18 3.03
N ASP A 45 32.49 -28.07 3.17
CA ASP A 45 33.21 -27.71 4.39
C ASP A 45 32.23 -27.38 5.53
N ILE A 46 31.14 -26.66 5.22
CA ILE A 46 30.12 -26.31 6.22
C ILE A 46 29.40 -27.60 6.66
N VAL A 47 29.06 -28.49 5.70
CA VAL A 47 28.40 -29.78 5.96
C VAL A 47 29.28 -30.63 6.91
N LYS A 48 30.60 -30.70 6.64
CA LYS A 48 31.54 -31.45 7.47
C LYS A 48 31.53 -30.95 8.94
N GLY A 49 31.61 -29.63 9.10
CA GLY A 49 31.62 -28.96 10.40
C GLY A 49 30.32 -29.04 11.17
N ILE A 50 29.20 -29.06 10.47
CA ILE A 50 27.88 -29.14 11.12
C ILE A 50 27.57 -30.60 11.47
N ASN A 51 28.08 -31.58 10.67
CA ASN A 51 27.89 -33.02 10.86
C ASN A 51 28.83 -33.61 11.91
N SER A 52 29.77 -32.81 12.43
CA SER A 52 30.66 -33.23 13.52
C SER A 52 29.83 -33.24 14.80
N ASN A 53 30.29 -33.95 15.83
CA ASN A 53 29.52 -33.96 17.07
C ASN A 53 30.14 -32.96 18.06
N ASN A 54 30.65 -31.84 17.50
CA ASN A 54 31.36 -30.79 18.22
C ASN A 54 30.66 -29.43 18.02
N LEU A 55 30.05 -28.93 19.11
CA LEU A 55 29.30 -27.67 19.17
C LEU A 55 30.10 -26.49 18.61
N GLU A 56 31.37 -26.37 18.98
CA GLU A 56 32.25 -25.31 18.51
C GLU A 56 32.53 -25.42 17.02
N SER A 57 32.73 -26.66 16.52
CA SER A 57 32.94 -26.92 15.10
C SER A 57 31.65 -26.59 14.33
N GLN A 58 30.49 -26.88 14.96
CA GLN A 58 29.16 -26.57 14.43
C GLN A 58 28.95 -25.05 14.41
N LEU A 59 29.42 -24.32 15.45
CA LEU A 59 29.32 -22.87 15.58
C LEU A 59 30.12 -22.15 14.47
N GLN A 60 31.33 -22.63 14.18
CA GLN A 60 32.22 -22.06 13.17
C GLN A 60 31.70 -22.33 11.76
N ALA A 61 31.17 -23.53 11.51
CA ALA A 61 30.58 -23.87 10.20
C ALA A 61 29.26 -23.11 9.98
N THR A 62 28.52 -22.80 11.06
CA THR A 62 27.27 -22.04 10.97
C THR A 62 27.57 -20.58 10.66
N GLN A 63 28.65 -20.03 11.26
CA GLN A 63 29.11 -18.66 11.01
C GLN A 63 29.53 -18.54 9.54
N ALA A 64 30.21 -19.57 9.06
CA ALA A 64 30.66 -19.63 7.68
C ALA A 64 29.48 -19.69 6.73
N ALA A 65 28.42 -20.36 7.16
CA ALA A 65 27.20 -20.44 6.35
C ALA A 65 26.51 -19.09 6.29
N ARG A 66 26.39 -18.43 7.43
CA ARG A 66 25.77 -17.12 7.49
C ARG A 66 26.49 -16.11 6.62
N LYS A 67 27.81 -16.19 6.60
CA LYS A 67 28.64 -15.29 5.80
C LYS A 67 28.42 -15.53 4.32
N LEU A 68 28.40 -16.80 3.95
CA LEU A 68 28.14 -17.19 2.57
C LEU A 68 26.78 -16.68 2.12
N LEU A 69 25.81 -16.72 3.04
CA LEU A 69 24.44 -16.33 2.73
C LEU A 69 24.23 -14.82 2.80
N SER A 70 25.11 -14.10 3.49
CA SER A 70 25.02 -12.65 3.59
C SER A 70 25.57 -11.95 2.35
N ARG A 71 26.46 -12.60 1.63
CA ARG A 71 27.09 -11.99 0.49
C ARG A 71 26.08 -11.52 -0.56
N GLU A 72 26.38 -10.41 -1.21
CA GLU A 72 25.49 -9.74 -2.13
C GLU A 72 25.21 -10.46 -3.45
N LYS A 73 26.21 -11.10 -4.01
CA LYS A 73 26.02 -11.71 -5.31
C LYS A 73 25.76 -13.21 -5.23
N GLN A 74 24.56 -13.60 -5.62
CA GLN A 74 24.23 -15.01 -5.82
C GLN A 74 24.56 -15.91 -4.64
N PRO A 75 24.20 -15.50 -3.43
CA PRO A 75 24.44 -16.37 -2.27
C PRO A 75 23.86 -17.74 -2.54
N PRO A 76 24.52 -18.80 -2.07
CA PRO A 76 24.16 -20.15 -2.49
C PRO A 76 23.07 -20.76 -1.60
N ILE A 77 21.89 -20.12 -1.59
CA ILE A 77 20.72 -20.50 -0.79
C ILE A 77 20.32 -21.94 -1.14
N ASP A 78 20.03 -22.23 -2.43
CA ASP A 78 19.61 -23.56 -2.88
C ASP A 78 20.62 -24.64 -2.54
N ASN A 79 21.94 -24.34 -2.65
CA ASN A 79 23.02 -25.28 -2.32
C ASN A 79 22.97 -25.70 -0.85
N ILE A 80 22.76 -24.72 0.07
CA ILE A 80 22.64 -24.94 1.51
C ILE A 80 21.37 -25.78 1.81
N ILE A 81 20.25 -25.50 1.08
CA ILE A 81 18.97 -26.23 1.20
C ILE A 81 19.19 -27.70 0.79
N ARG A 82 19.77 -27.94 -0.41
CA ARG A 82 20.02 -29.28 -0.97
C ARG A 82 20.93 -30.14 -0.09
N ALA A 83 21.85 -29.49 0.64
CA ALA A 83 22.79 -30.12 1.58
C ALA A 83 22.11 -30.64 2.88
N GLY A 84 20.84 -30.29 3.08
CA GLY A 84 20.07 -30.69 4.25
C GLY A 84 20.46 -29.99 5.54
N LEU A 85 20.93 -28.72 5.45
CA LEU A 85 21.37 -27.95 6.63
C LEU A 85 20.24 -27.20 7.40
N ILE A 86 19.05 -26.96 6.79
CA ILE A 86 17.93 -26.23 7.45
C ILE A 86 17.47 -26.93 8.75
N PRO A 87 17.15 -28.25 8.81
CA PRO A 87 16.77 -28.86 10.11
C PRO A 87 17.87 -28.68 11.17
N LYS A 88 19.16 -28.73 10.76
CA LYS A 88 20.33 -28.58 11.60
C LYS A 88 20.38 -27.18 12.21
N PHE A 89 20.16 -26.12 11.37
CA PHE A 89 20.09 -24.73 11.81
C PHE A 89 18.95 -24.54 12.81
N VAL A 90 17.76 -25.08 12.48
CA VAL A 90 16.54 -24.99 13.29
C VAL A 90 16.79 -25.61 14.67
N SER A 91 17.47 -26.79 14.72
CA SER A 91 17.78 -27.45 15.99
C SER A 91 18.77 -26.58 16.81
N PHE A 92 19.68 -25.83 16.14
CA PHE A 92 20.66 -24.94 16.81
C PHE A 92 19.98 -23.73 17.46
N LEU A 93 18.78 -23.38 16.98
CA LEU A 93 17.97 -22.29 17.53
C LEU A 93 17.58 -22.57 18.98
N GLY A 94 17.47 -23.85 19.35
CA GLY A 94 17.14 -24.28 20.70
C GLY A 94 18.33 -24.42 21.65
N LYS A 95 19.57 -24.22 21.16
CA LYS A 95 20.79 -24.33 21.97
C LYS A 95 21.02 -23.09 22.87
N THR A 96 20.25 -23.01 23.98
CA THR A 96 20.26 -21.94 25.00
C THR A 96 21.66 -21.75 25.64
N ASP A 97 22.42 -22.85 25.84
CA ASP A 97 23.75 -22.83 26.46
C ASP A 97 24.82 -22.31 25.48
N CYS A 98 24.47 -22.08 24.20
CA CYS A 98 25.36 -21.53 23.18
C CYS A 98 24.63 -20.42 22.40
N SER A 99 24.50 -19.23 23.02
CA SER A 99 23.83 -18.07 22.41
C SER A 99 24.44 -17.68 21.02
N PRO A 100 25.79 -17.78 20.73
CA PRO A 100 26.26 -17.43 19.38
C PRO A 100 25.76 -18.36 18.27
N ILE A 101 25.56 -19.67 18.54
CA ILE A 101 25.06 -20.60 17.50
C ILE A 101 23.56 -20.32 17.22
N GLN A 102 22.85 -19.75 18.22
CA GLN A 102 21.45 -19.35 18.09
C GLN A 102 21.36 -18.20 17.13
N PHE A 103 22.24 -17.23 17.32
CA PHE A 103 22.33 -16.05 16.47
C PHE A 103 22.70 -16.38 15.04
N GLU A 104 23.71 -17.22 14.86
CA GLU A 104 24.20 -17.53 13.54
C GLU A 104 23.25 -18.37 12.67
N SER A 105 22.58 -19.35 13.28
CA SER A 105 21.57 -20.09 12.52
C SER A 105 20.37 -19.20 12.22
N ALA A 106 19.99 -18.39 13.20
CA ALA A 106 18.89 -17.47 13.04
C ALA A 106 19.09 -16.54 11.86
N TRP A 107 20.30 -16.01 11.76
CA TRP A 107 20.68 -15.11 10.68
C TRP A 107 20.72 -15.87 9.37
N ALA A 108 21.25 -17.08 9.40
CA ALA A 108 21.34 -17.90 8.20
C ALA A 108 19.96 -18.24 7.66
N LEU A 109 19.10 -18.70 8.55
CA LEU A 109 17.72 -19.03 8.22
C LEU A 109 16.94 -17.81 7.73
N THR A 110 17.12 -16.63 8.36
CA THR A 110 16.50 -15.35 7.95
C THR A 110 16.77 -15.08 6.46
N ASN A 111 18.04 -15.24 6.04
CA ASN A 111 18.46 -14.98 4.67
C ASN A 111 17.93 -16.02 3.69
N ILE A 112 17.67 -17.26 4.16
CA ILE A 112 17.05 -18.29 3.32
C ILE A 112 15.56 -17.93 3.14
N ALA A 113 14.86 -17.52 4.25
CA ALA A 113 13.44 -17.11 4.24
C ALA A 113 13.21 -15.81 3.44
N SER A 114 14.27 -15.01 3.20
CA SER A 114 14.16 -13.76 2.43
C SER A 114 14.15 -14.01 0.91
N GLY A 115 14.45 -15.24 0.50
CA GLY A 115 14.46 -15.65 -0.90
C GLY A 115 13.09 -15.91 -1.50
N THR A 116 13.03 -16.84 -2.48
CA THR A 116 11.80 -17.22 -3.19
C THR A 116 10.79 -17.93 -2.23
N SER A 117 9.52 -18.12 -2.69
CA SER A 117 8.50 -18.82 -1.91
C SER A 117 8.95 -20.25 -1.55
N GLU A 118 9.59 -20.95 -2.50
CA GLU A 118 10.11 -22.30 -2.26
C GLU A 118 11.21 -22.26 -1.18
N GLN A 119 12.03 -21.19 -1.15
CA GLN A 119 13.11 -21.02 -0.16
C GLN A 119 12.52 -20.71 1.22
N THR A 120 11.50 -19.83 1.29
CA THR A 120 10.81 -19.56 2.56
C THR A 120 10.10 -20.85 3.05
N LYS A 121 9.47 -21.61 2.12
CA LYS A 121 8.81 -22.87 2.43
C LYS A 121 9.78 -23.83 3.10
N ALA A 122 11.04 -23.91 2.61
CA ALA A 122 12.09 -24.78 3.15
C ALA A 122 12.33 -24.52 4.64
N VAL A 123 12.42 -23.23 5.04
CA VAL A 123 12.63 -22.78 6.43
C VAL A 123 11.42 -23.23 7.29
N VAL A 124 10.21 -23.05 6.76
CA VAL A 124 8.96 -23.46 7.40
C VAL A 124 8.93 -25.01 7.52
N ASP A 125 9.24 -25.73 6.42
CA ASP A 125 9.27 -27.20 6.40
C ASP A 125 10.30 -27.75 7.38
N GLY A 126 11.38 -27.00 7.62
CA GLY A 126 12.39 -27.33 8.61
C GLY A 126 11.94 -27.16 10.06
N GLY A 127 10.70 -26.67 10.26
CA GLY A 127 10.07 -26.44 11.56
C GLY A 127 10.60 -25.24 12.33
N ALA A 128 10.98 -24.18 11.62
CA ALA A 128 11.59 -22.97 12.19
C ALA A 128 10.59 -21.99 12.84
N ILE A 129 9.28 -22.03 12.48
CA ILE A 129 8.28 -21.09 13.03
C ILE A 129 8.23 -21.22 14.58
N PRO A 130 7.90 -22.38 15.22
CA PRO A 130 7.87 -22.43 16.70
C PRO A 130 9.22 -22.08 17.33
N ALA A 131 10.33 -22.50 16.69
CA ALA A 131 11.70 -22.26 17.11
C ALA A 131 12.00 -20.75 17.19
N PHE A 132 11.59 -19.98 16.16
CA PHE A 132 11.77 -18.52 16.14
C PHE A 132 10.87 -17.83 17.15
N ILE A 133 9.63 -18.34 17.37
CA ILE A 133 8.70 -17.74 18.34
C ILE A 133 9.26 -17.92 19.76
N SER A 134 9.85 -19.09 20.08
CA SER A 134 10.52 -19.32 21.37
C SER A 134 11.68 -18.32 21.55
N LEU A 135 12.46 -18.04 20.46
CA LEU A 135 13.61 -17.12 20.45
C LEU A 135 13.25 -15.69 20.79
N LEU A 136 11.99 -15.27 20.59
CA LEU A 136 11.53 -13.91 20.92
C LEU A 136 11.68 -13.63 22.44
N ALA A 137 11.77 -14.70 23.26
CA ALA A 137 11.89 -14.63 24.72
C ALA A 137 13.37 -14.64 25.19
N SER A 138 14.32 -14.65 24.24
CA SER A 138 15.76 -14.65 24.52
C SER A 138 16.20 -13.42 25.34
N PRO A 139 17.14 -13.56 26.31
CA PRO A 139 17.61 -12.37 27.06
C PRO A 139 18.64 -11.56 26.26
N HIS A 140 18.98 -12.02 25.04
CA HIS A 140 19.93 -11.39 24.14
C HIS A 140 19.16 -10.71 23.04
N ALA A 141 19.14 -9.37 23.09
CA ALA A 141 18.44 -8.46 22.17
C ALA A 141 18.72 -8.74 20.69
N HIS A 142 19.97 -9.09 20.33
CA HIS A 142 20.37 -9.35 18.94
C HIS A 142 19.80 -10.68 18.42
N ILE A 143 19.51 -11.65 19.31
CA ILE A 143 18.94 -12.95 18.94
C ILE A 143 17.42 -12.78 18.82
N SER A 144 16.84 -12.11 19.83
CA SER A 144 15.43 -11.73 19.92
C SER A 144 15.03 -11.00 18.63
N GLU A 145 15.89 -10.07 18.19
CA GLU A 145 15.73 -9.26 16.98
C GLU A 145 15.79 -10.10 15.70
N GLN A 146 16.76 -11.05 15.63
CA GLN A 146 16.92 -11.92 14.47
C GLN A 146 15.68 -12.81 14.29
N ALA A 147 15.10 -13.28 15.41
CA ALA A 147 13.86 -14.04 15.45
C ALA A 147 12.70 -13.22 14.86
N VAL A 148 12.56 -11.93 15.29
CA VAL A 148 11.55 -10.95 14.83
C VAL A 148 11.68 -10.80 13.29
N TRP A 149 12.94 -10.59 12.79
CA TRP A 149 13.28 -10.42 11.37
C TRP A 149 12.85 -11.64 10.53
N ALA A 150 13.21 -12.85 10.99
CA ALA A 150 12.89 -14.11 10.32
C ALA A 150 11.39 -14.38 10.27
N LEU A 151 10.65 -14.04 11.33
CA LEU A 151 9.20 -14.20 11.37
C LEU A 151 8.56 -13.23 10.37
N GLY A 152 9.15 -12.04 10.22
CA GLY A 152 8.73 -11.04 9.25
C GLY A 152 8.85 -11.52 7.81
N ASN A 153 9.96 -12.21 7.50
CA ASN A 153 10.21 -12.77 6.18
C ASN A 153 9.27 -13.95 5.84
N ILE A 154 8.93 -14.75 6.86
CA ILE A 154 8.04 -15.90 6.70
C ILE A 154 6.61 -15.37 6.48
N ALA A 155 6.13 -14.50 7.37
CA ALA A 155 4.78 -13.92 7.28
C ALA A 155 4.59 -13.13 5.98
N GLY A 156 5.66 -12.49 5.50
CA GLY A 156 5.67 -11.66 4.30
C GLY A 156 5.52 -12.41 2.99
N ASP A 157 5.68 -13.72 3.02
CA ASP A 157 5.56 -14.58 1.84
C ASP A 157 4.13 -14.61 1.28
N GLY A 158 3.14 -14.58 2.17
CA GLY A 158 1.74 -14.61 1.79
C GLY A 158 0.81 -14.91 2.94
N SER A 159 -0.51 -15.01 2.64
CA SER A 159 -1.61 -15.25 3.58
C SER A 159 -1.43 -16.52 4.40
N ALA A 160 -1.08 -17.65 3.75
CA ALA A 160 -0.96 -18.95 4.41
C ALA A 160 0.16 -18.96 5.46
N PHE A 161 1.37 -18.47 5.11
CA PHE A 161 2.47 -18.44 6.08
C PHE A 161 2.23 -17.36 7.14
N ARG A 162 1.56 -16.26 6.77
CA ARG A 162 1.17 -15.20 7.69
C ARG A 162 0.26 -15.79 8.77
N ASP A 163 -0.76 -16.57 8.34
CA ASP A 163 -1.73 -17.15 9.26
C ASP A 163 -1.13 -18.30 10.06
N LEU A 164 -0.11 -18.99 9.51
CA LEU A 164 0.58 -20.07 10.22
C LEU A 164 1.44 -19.50 11.36
N VAL A 165 2.09 -18.36 11.13
CA VAL A 165 2.90 -17.62 12.12
C VAL A 165 1.95 -17.14 13.26
N ILE A 166 0.73 -16.69 12.91
CA ILE A 166 -0.27 -16.27 13.88
C ILE A 166 -0.76 -17.50 14.70
N LYS A 167 -1.03 -18.64 14.03
CA LYS A 167 -1.52 -19.86 14.68
C LYS A 167 -0.53 -20.41 15.71
N HIS A 168 0.79 -20.31 15.41
CA HIS A 168 1.86 -20.74 16.31
C HIS A 168 2.04 -19.73 17.50
N GLY A 169 1.24 -18.67 17.52
CA GLY A 169 1.21 -17.68 18.59
C GLY A 169 2.35 -16.68 18.66
N ALA A 170 2.68 -16.05 17.52
CA ALA A 170 3.75 -15.06 17.41
C ALA A 170 3.36 -13.69 17.94
N ILE A 171 2.07 -13.30 17.78
CA ILE A 171 1.55 -11.97 18.13
C ILE A 171 1.78 -11.63 19.61
N ASP A 172 1.40 -12.51 20.55
CA ASP A 172 1.57 -12.22 21.98
C ASP A 172 3.05 -11.92 22.31
N PRO A 173 4.06 -12.81 22.04
CA PRO A 173 5.46 -12.45 22.37
C PRO A 173 5.99 -11.21 21.63
N LEU A 174 5.61 -10.99 20.34
CA LEU A 174 6.02 -9.79 19.59
C LEU A 174 5.48 -8.49 20.25
N LEU A 175 4.20 -8.49 20.67
CA LEU A 175 3.59 -7.30 21.29
C LEU A 175 4.14 -7.05 22.72
N ALA A 176 4.58 -8.12 23.41
CA ALA A 176 5.15 -8.03 24.76
C ALA A 176 6.51 -7.30 24.72
N LEU A 177 7.22 -7.36 23.57
CA LEU A 177 8.51 -6.70 23.36
C LEU A 177 8.34 -5.17 23.26
N LEU A 178 7.12 -4.73 22.91
CA LEU A 178 6.75 -3.32 22.77
C LEU A 178 5.93 -2.82 23.98
N ALA A 179 5.78 -3.66 25.02
CA ALA A 179 5.04 -3.28 26.21
C ALA A 179 5.93 -2.48 27.17
N VAL A 180 6.30 -1.27 26.73
CA VAL A 180 7.12 -0.28 27.46
C VAL A 180 6.33 1.04 27.59
N PRO A 181 6.56 1.90 28.62
CA PRO A 181 5.81 3.17 28.70
C PRO A 181 6.15 4.14 27.55
N ASP A 182 7.41 4.16 27.11
CA ASP A 182 7.89 5.01 26.03
C ASP A 182 8.70 4.18 25.03
N LEU A 183 8.23 4.11 23.77
CA LEU A 183 8.85 3.39 22.66
C LEU A 183 10.30 3.86 22.38
N SER A 184 10.63 5.10 22.79
CA SER A 184 11.96 5.69 22.59
C SER A 184 13.07 5.02 23.42
N THR A 185 12.73 4.18 24.42
CA THR A 185 13.72 3.50 25.26
C THR A 185 14.31 2.31 24.52
N LEU A 186 13.57 1.75 23.55
CA LEU A 186 14.00 0.64 22.70
C LEU A 186 14.95 1.14 21.64
N ALA A 187 15.89 0.29 21.20
CA ALA A 187 16.85 0.65 20.16
C ALA A 187 16.13 0.84 18.84
N CYS A 188 16.54 1.85 18.10
CA CYS A 188 16.04 2.29 16.80
C CYS A 188 15.88 1.11 15.81
N GLY A 189 16.97 0.38 15.58
CA GLY A 189 16.99 -0.77 14.68
C GLY A 189 16.05 -1.88 15.09
N TYR A 190 15.98 -2.15 16.42
CA TYR A 190 15.12 -3.15 17.04
C TYR A 190 13.64 -2.78 16.86
N LEU A 191 13.31 -1.50 17.09
CA LEU A 191 11.97 -0.97 16.94
C LEU A 191 11.52 -0.99 15.47
N ARG A 192 12.45 -0.69 14.54
CA ARG A 192 12.20 -0.70 13.10
C ARG A 192 11.84 -2.12 12.62
N ASN A 193 12.57 -3.14 13.10
CA ASN A 193 12.35 -4.53 12.73
C ASN A 193 11.02 -5.05 13.22
N LEU A 194 10.63 -4.70 14.45
CA LEU A 194 9.36 -5.10 15.04
C LEU A 194 8.18 -4.53 14.25
N THR A 195 8.25 -3.23 13.90
CA THR A 195 7.21 -2.50 13.15
C THR A 195 7.06 -3.12 11.76
N TRP A 196 8.18 -3.46 11.09
CA TRP A 196 8.16 -4.06 9.77
C TRP A 196 7.55 -5.49 9.87
N THR A 197 7.94 -6.30 10.88
CA THR A 197 7.39 -7.64 11.10
C THR A 197 5.87 -7.53 11.32
N LEU A 198 5.42 -6.62 12.18
CA LEU A 198 3.99 -6.40 12.46
C LEU A 198 3.22 -5.98 11.22
N SER A 199 3.84 -5.19 10.30
CA SER A 199 3.18 -4.75 9.05
C SER A 199 2.93 -5.93 8.11
N ASN A 200 3.78 -6.97 8.14
CA ASN A 200 3.64 -8.16 7.29
C ASN A 200 2.56 -9.07 7.84
N LEU A 201 2.25 -8.94 9.14
CA LEU A 201 1.16 -9.69 9.75
C LEU A 201 -0.18 -9.02 9.43
N CYS A 202 -0.14 -7.78 8.91
CA CYS A 202 -1.30 -6.96 8.49
C CYS A 202 -1.50 -7.03 6.96
N ARG A 203 -0.52 -7.59 6.23
CA ARG A 203 -0.41 -7.66 4.77
C ARG A 203 -1.07 -8.91 4.15
N ASN A 204 -1.35 -8.85 2.81
CA ASN A 204 -1.94 -9.88 1.91
C ASN A 204 -3.47 -9.93 2.04
N LYS A 205 -4.18 -10.26 0.91
CA LYS A 205 -5.65 -10.13 0.75
C LYS A 205 -6.54 -11.38 0.54
N ASN A 206 -6.06 -12.52 0.01
CA ASN A 206 -7.07 -13.60 -0.18
C ASN A 206 -6.70 -14.88 0.64
N PRO A 207 -7.00 -14.89 1.96
CA PRO A 207 -7.79 -13.92 2.72
C PRO A 207 -6.97 -12.81 3.39
N ALA A 208 -7.68 -11.87 4.00
CA ALA A 208 -7.10 -10.77 4.76
C ALA A 208 -6.69 -11.33 6.13
N PRO A 209 -5.85 -10.66 6.95
CA PRO A 209 -5.50 -11.25 8.27
C PRO A 209 -6.74 -11.53 9.12
N PRO A 210 -6.68 -12.52 10.06
CA PRO A 210 -7.87 -12.79 10.90
C PRO A 210 -8.26 -11.56 11.70
N LEU A 211 -9.57 -11.27 11.81
CA LEU A 211 -10.10 -10.09 12.49
C LEU A 211 -9.58 -9.96 13.91
N ASP A 212 -9.55 -11.07 14.66
CA ASP A 212 -9.06 -11.16 16.05
C ASP A 212 -7.60 -10.73 16.13
N ALA A 213 -6.76 -11.19 15.18
CA ALA A 213 -5.34 -10.83 15.09
C ALA A 213 -5.19 -9.32 14.82
N VAL A 214 -5.98 -8.77 13.88
CA VAL A 214 -5.99 -7.33 13.51
C VAL A 214 -6.38 -6.48 14.72
N GLU A 215 -7.36 -6.94 15.51
CA GLU A 215 -7.87 -6.26 16.70
C GLU A 215 -6.80 -6.26 17.83
N GLN A 216 -6.03 -7.34 17.96
CA GLN A 216 -4.97 -7.48 18.95
C GLN A 216 -3.75 -6.60 18.57
N ILE A 217 -3.41 -6.54 17.27
CA ILE A 217 -2.27 -5.76 16.77
C ILE A 217 -2.57 -4.23 16.83
N LEU A 218 -3.75 -3.79 16.33
CA LEU A 218 -4.14 -2.39 16.18
C LEU A 218 -3.69 -1.42 17.33
N PRO A 219 -3.89 -1.67 18.65
CA PRO A 219 -3.42 -0.68 19.66
C PRO A 219 -1.92 -0.39 19.63
N THR A 220 -1.08 -1.39 19.32
CA THR A 220 0.38 -1.23 19.24
C THR A 220 0.72 -0.45 17.98
N LEU A 221 0.11 -0.83 16.85
CA LEU A 221 0.28 -0.20 15.54
C LEU A 221 -0.08 1.30 15.57
N VAL A 222 -1.16 1.69 16.28
CA VAL A 222 -1.54 3.10 16.40
C VAL A 222 -0.42 3.86 17.17
N ARG A 223 0.11 3.23 18.23
CA ARG A 223 1.18 3.74 19.07
C ARG A 223 2.48 3.92 18.26
N LEU A 224 2.72 3.03 17.29
CA LEU A 224 3.90 3.11 16.40
C LEU A 224 3.74 4.23 15.35
N LEU A 225 2.48 4.52 14.94
CA LEU A 225 2.11 5.56 13.97
C LEU A 225 2.31 6.97 14.56
N HIS A 226 2.53 7.06 15.87
CA HIS A 226 2.80 8.33 16.55
C HIS A 226 4.27 8.41 17.01
N HIS A 227 5.11 7.37 16.73
CA HIS A 227 6.54 7.36 17.11
C HIS A 227 7.40 8.27 16.18
N ASN A 228 8.41 8.94 16.75
CA ASN A 228 9.29 9.91 16.09
C ASN A 228 10.40 9.32 15.17
N ASP A 229 10.21 8.18 14.52
CA ASP A 229 11.21 7.60 13.60
C ASP A 229 10.62 7.46 12.18
N PRO A 230 11.31 8.00 11.15
CA PRO A 230 10.74 7.99 9.78
C PRO A 230 10.49 6.61 9.19
N GLU A 231 11.31 5.61 9.52
CA GLU A 231 11.12 4.27 8.98
C GLU A 231 9.99 3.56 9.72
N VAL A 232 9.84 3.82 11.04
CA VAL A 232 8.77 3.29 11.89
C VAL A 232 7.42 3.83 11.37
N LEU A 233 7.37 5.15 11.04
CA LEU A 233 6.18 5.84 10.51
C LEU A 233 5.75 5.29 9.14
N ALA A 234 6.70 5.12 8.21
CA ALA A 234 6.47 4.57 6.87
C ALA A 234 5.86 3.16 6.94
N ASP A 235 6.46 2.25 7.73
CA ASP A 235 6.04 0.86 7.88
C ASP A 235 4.72 0.76 8.62
N SER A 236 4.49 1.64 9.63
CA SER A 236 3.21 1.77 10.35
C SER A 236 2.11 2.16 9.38
N CYS A 237 2.41 3.12 8.46
CA CYS A 237 1.48 3.60 7.44
C CYS A 237 1.14 2.51 6.45
N TRP A 238 2.14 1.69 6.05
CA TRP A 238 1.95 0.56 5.14
C TRP A 238 0.99 -0.42 5.75
N ALA A 239 1.20 -0.76 7.03
CA ALA A 239 0.35 -1.67 7.79
C ALA A 239 -1.11 -1.20 7.79
N ILE A 240 -1.34 0.10 8.01
CA ILE A 240 -2.65 0.75 8.01
C ILE A 240 -3.24 0.73 6.58
N SER A 241 -2.39 0.95 5.54
CA SER A 241 -2.80 0.91 4.14
C SER A 241 -3.30 -0.51 3.77
N TYR A 242 -2.67 -1.57 4.34
CA TYR A 242 -3.05 -2.97 4.09
C TYR A 242 -4.37 -3.30 4.78
N LEU A 243 -4.54 -2.81 6.02
CA LEU A 243 -5.76 -3.07 6.79
C LEU A 243 -6.99 -2.37 6.20
N THR A 244 -6.79 -1.22 5.51
CA THR A 244 -7.92 -0.45 4.99
C THR A 244 -8.28 -0.84 3.53
N ASP A 245 -7.48 -1.72 2.94
CA ASP A 245 -7.73 -2.22 1.59
C ASP A 245 -8.60 -3.46 1.61
N GLY A 246 -9.89 -3.27 1.44
CA GLY A 246 -10.87 -4.35 1.46
C GLY A 246 -12.25 -3.90 1.88
N PRO A 247 -13.00 -4.73 2.66
CA PRO A 247 -14.37 -4.34 3.07
C PRO A 247 -14.43 -3.16 4.04
N ASN A 248 -15.57 -2.45 4.04
CA ASN A 248 -15.81 -1.27 4.86
C ASN A 248 -15.74 -1.53 6.37
N GLU A 249 -16.03 -2.77 6.79
CA GLU A 249 -15.96 -3.23 8.18
C GLU A 249 -14.51 -3.14 8.69
N ARG A 250 -13.56 -3.48 7.82
CA ARG A 250 -12.14 -3.43 8.11
C ARG A 250 -11.64 -1.98 8.15
N ILE A 251 -12.20 -1.09 7.29
CA ILE A 251 -11.92 0.36 7.29
C ILE A 251 -12.40 0.95 8.63
N GLU A 252 -13.63 0.54 9.07
CA GLU A 252 -14.27 0.97 10.30
C GLU A 252 -13.42 0.65 11.53
N MET A 253 -12.87 -0.58 11.61
CA MET A 253 -11.96 -1.06 12.67
C MET A 253 -10.79 -0.07 12.90
N VAL A 254 -10.20 0.38 11.79
CA VAL A 254 -9.06 1.31 11.76
C VAL A 254 -9.53 2.72 12.15
N VAL A 255 -10.54 3.25 11.46
CA VAL A 255 -11.10 4.59 11.64
C VAL A 255 -11.55 4.80 13.11
N LYS A 256 -12.13 3.76 13.75
CA LYS A 256 -12.57 3.81 15.15
C LYS A 256 -11.39 3.99 16.13
N LYS A 257 -10.16 3.65 15.71
CA LYS A 257 -8.99 3.81 16.56
C LYS A 257 -8.43 5.26 16.52
N GLY A 258 -9.14 6.16 15.83
CA GLY A 258 -8.82 7.58 15.73
C GLY A 258 -7.52 7.94 15.02
N VAL A 259 -7.05 7.08 14.07
CA VAL A 259 -5.79 7.25 13.32
C VAL A 259 -5.86 8.31 12.17
N VAL A 260 -7.07 8.68 11.70
CA VAL A 260 -7.27 9.57 10.55
C VAL A 260 -6.52 10.94 10.77
N PRO A 261 -6.63 11.68 11.91
CA PRO A 261 -5.84 12.92 12.05
C PRO A 261 -4.33 12.70 11.89
N GLN A 262 -3.78 11.59 12.44
CA GLN A 262 -2.37 11.23 12.35
C GLN A 262 -1.96 10.90 10.92
N LEU A 263 -2.83 10.22 10.15
CA LEU A 263 -2.59 9.89 8.74
C LEU A 263 -2.54 11.17 7.88
N VAL A 264 -3.44 12.15 8.18
CA VAL A 264 -3.50 13.44 7.47
C VAL A 264 -2.23 14.23 7.80
N LYS A 265 -1.80 14.20 9.07
CA LYS A 265 -0.58 14.86 9.54
C LYS A 265 0.65 14.23 8.85
N LEU A 266 0.66 12.90 8.64
CA LEU A 266 1.75 12.19 7.95
C LEU A 266 1.66 12.38 6.42
N LEU A 267 0.45 12.68 5.91
CA LEU A 267 0.17 12.96 4.49
C LEU A 267 0.93 14.23 4.03
N GLY A 268 1.26 15.09 5.00
CA GLY A 268 2.00 16.33 4.78
C GLY A 268 3.50 16.25 5.05
N ALA A 269 4.02 15.07 5.39
CA ALA A 269 5.46 14.87 5.66
C ALA A 269 6.34 15.22 4.44
N THR A 270 7.63 15.53 4.68
CA THR A 270 8.55 15.90 3.61
C THR A 270 9.21 14.62 3.05
N GLU A 271 9.09 13.51 3.79
CA GLU A 271 9.66 12.23 3.38
C GLU A 271 8.65 11.47 2.53
N LEU A 272 8.98 11.26 1.24
CA LEU A 272 8.19 10.50 0.27
C LEU A 272 7.93 9.07 0.80
N PRO A 273 8.89 8.34 1.42
CA PRO A 273 8.55 7.02 1.98
C PRO A 273 7.41 7.06 3.03
N ILE A 274 7.06 8.24 3.60
CA ILE A 274 5.97 8.34 4.57
C ILE A 274 4.66 8.74 3.85
N VAL A 275 4.72 9.74 2.92
CA VAL A 275 3.58 10.24 2.15
C VAL A 275 2.95 9.09 1.30
N THR A 276 3.77 8.26 0.63
CA THR A 276 3.27 7.16 -0.23
C THR A 276 2.29 6.24 0.56
N PRO A 277 2.65 5.55 1.69
CA PRO A 277 1.66 4.71 2.39
C PRO A 277 0.56 5.51 3.11
N ALA A 278 0.85 6.76 3.55
CA ALA A 278 -0.14 7.64 4.20
C ALA A 278 -1.29 7.94 3.24
N LEU A 279 -1.00 8.29 1.97
CA LEU A 279 -1.96 8.60 0.89
C LEU A 279 -2.68 7.34 0.46
N ARG A 280 -2.00 6.22 0.54
CA ARG A 280 -2.59 4.93 0.24
C ARG A 280 -3.71 4.63 1.23
N ALA A 281 -3.40 4.77 2.51
CA ALA A 281 -4.33 4.50 3.60
C ALA A 281 -5.50 5.46 3.55
N ILE A 282 -5.25 6.76 3.30
CA ILE A 282 -6.31 7.78 3.17
C ILE A 282 -7.17 7.45 1.93
N GLY A 283 -6.52 7.05 0.84
CA GLY A 283 -7.15 6.64 -0.40
C GLY A 283 -8.11 5.48 -0.17
N ASN A 284 -7.64 4.48 0.57
CA ASN A 284 -8.46 3.34 0.95
C ASN A 284 -9.67 3.71 1.79
N ILE A 285 -9.45 4.50 2.83
CA ILE A 285 -10.54 4.93 3.73
C ILE A 285 -11.69 5.58 2.92
N VAL A 286 -11.39 6.40 1.92
CA VAL A 286 -12.46 7.03 1.15
C VAL A 286 -13.13 6.13 0.10
N THR A 287 -12.70 4.88 0.01
CA THR A 287 -13.42 3.90 -0.83
C THR A 287 -14.63 3.36 -0.07
N GLY A 288 -14.66 3.59 1.23
CA GLY A 288 -15.73 3.13 2.10
C GLY A 288 -16.93 4.05 2.16
N THR A 289 -17.60 4.09 3.30
CA THR A 289 -18.82 4.89 3.44
C THR A 289 -18.59 6.40 3.44
N ASP A 290 -19.61 7.14 3.03
CA ASP A 290 -19.57 8.59 3.06
C ASP A 290 -19.18 9.11 4.44
N GLU A 291 -19.63 8.43 5.47
CA GLU A 291 -19.33 8.76 6.86
C GLU A 291 -17.84 8.58 7.14
N GLN A 292 -17.23 7.52 6.58
CA GLN A 292 -15.78 7.25 6.70
C GLN A 292 -15.00 8.29 5.90
N THR A 293 -15.50 8.60 4.71
CA THR A 293 -14.93 9.64 3.89
C THR A 293 -14.93 10.97 4.62
N GLN A 294 -16.05 11.30 5.24
CA GLN A 294 -16.19 12.56 6.00
C GLN A 294 -15.12 12.71 7.09
N LYS A 295 -14.73 11.61 7.73
CA LYS A 295 -13.74 11.69 8.79
C LYS A 295 -12.42 12.23 8.24
N VAL A 296 -12.10 11.83 7.02
CA VAL A 296 -10.91 12.28 6.35
C VAL A 296 -10.94 13.78 6.09
N ILE A 297 -12.08 14.27 5.61
CA ILE A 297 -12.27 15.69 5.35
C ILE A 297 -12.24 16.54 6.60
N ASP A 298 -12.88 16.05 7.66
CA ASP A 298 -12.93 16.70 8.97
C ASP A 298 -11.53 16.85 9.58
N ALA A 299 -10.64 15.91 9.30
CA ALA A 299 -9.25 15.91 9.76
C ALA A 299 -8.39 16.88 8.93
N GLY A 300 -9.00 17.45 7.88
CA GLY A 300 -8.42 18.46 7.00
C GLY A 300 -7.55 17.97 5.87
N ALA A 301 -7.78 16.75 5.37
CA ALA A 301 -7.01 16.12 4.30
C ALA A 301 -7.00 16.93 2.99
N LEU A 302 -8.15 17.54 2.60
CA LEU A 302 -8.25 18.30 1.35
C LEU A 302 -7.31 19.52 1.27
N ALA A 303 -6.82 19.99 2.41
CA ALA A 303 -5.89 21.11 2.44
C ALA A 303 -4.51 20.71 1.91
N VAL A 304 -4.22 19.42 1.97
CA VAL A 304 -2.93 18.90 1.54
C VAL A 304 -2.90 18.61 0.06
N PHE A 305 -4.07 18.55 -0.56
CA PHE A 305 -4.17 18.09 -1.92
C PHE A 305 -3.68 19.03 -3.01
N PRO A 306 -3.57 20.31 -2.72
CA PRO A 306 -2.99 21.23 -3.71
C PRO A 306 -1.57 20.78 -4.06
N SER A 307 -0.76 20.45 -3.06
CA SER A 307 0.57 19.90 -3.33
C SER A 307 0.52 18.48 -3.88
N LEU A 308 -0.27 17.60 -3.27
CA LEU A 308 -0.41 16.22 -3.73
C LEU A 308 -0.75 16.10 -5.21
N LEU A 309 -1.64 16.94 -5.69
CA LEU A 309 -2.04 16.90 -7.09
C LEU A 309 -1.04 17.56 -8.04
N THR A 310 0.04 18.12 -7.49
CA THR A 310 1.12 18.70 -8.29
C THR A 310 2.47 18.10 -7.93
N ASN A 311 2.43 17.03 -7.17
CA ASN A 311 3.64 16.32 -6.71
C ASN A 311 4.46 15.81 -7.89
N PRO A 312 5.81 15.98 -7.84
CA PRO A 312 6.66 15.53 -8.95
C PRO A 312 6.64 14.03 -9.20
N LYS A 313 6.37 13.23 -8.14
CA LYS A 313 6.29 11.77 -8.23
C LYS A 313 4.92 11.39 -8.82
N THR A 314 4.93 10.73 -10.00
CA THR A 314 3.72 10.30 -10.74
C THR A 314 2.77 9.50 -9.90
N ASN A 315 3.27 8.49 -9.15
CA ASN A 315 2.44 7.64 -8.31
C ASN A 315 1.65 8.45 -7.27
N ILE A 316 2.27 9.48 -6.66
CA ILE A 316 1.57 10.35 -5.69
C ILE A 316 0.44 11.12 -6.39
N GLN A 317 0.71 11.68 -7.58
CA GLN A 317 -0.25 12.44 -8.37
C GLN A 317 -1.45 11.56 -8.78
N LYS A 318 -1.16 10.34 -9.25
CA LYS A 318 -2.11 9.31 -9.68
C LYS A 318 -3.00 8.85 -8.50
N GLU A 319 -2.38 8.58 -7.36
CA GLU A 319 -3.10 8.18 -6.15
C GLU A 319 -3.90 9.30 -5.50
N ALA A 320 -3.42 10.53 -5.63
CA ALA A 320 -4.14 11.70 -5.11
C ALA A 320 -5.41 11.96 -5.92
N THR A 321 -5.32 11.80 -7.25
CA THR A 321 -6.43 12.01 -8.19
C THR A 321 -7.45 10.89 -8.03
N TRP A 322 -6.98 9.68 -7.74
CA TRP A 322 -7.83 8.56 -7.46
C TRP A 322 -8.59 8.76 -6.16
N THR A 323 -7.91 9.25 -5.14
CA THR A 323 -8.49 9.60 -3.84
C THR A 323 -9.56 10.68 -4.06
N MET A 324 -9.28 11.64 -4.97
CA MET A 324 -10.17 12.73 -5.33
C MET A 324 -11.44 12.21 -5.99
N SER A 325 -11.32 11.24 -6.93
CA SER A 325 -12.45 10.63 -7.63
C SER A 325 -13.41 9.93 -6.67
N ASN A 326 -12.90 9.33 -5.60
CA ASN A 326 -13.76 8.69 -4.61
C ASN A 326 -14.38 9.67 -3.62
N ILE A 327 -13.86 10.89 -3.58
CA ILE A 327 -14.43 11.93 -2.75
C ILE A 327 -15.54 12.61 -3.56
N THR A 328 -15.30 12.88 -4.86
CA THR A 328 -16.30 13.50 -5.76
C THR A 328 -17.49 12.54 -6.02
N ALA A 329 -17.30 11.26 -5.71
CA ALA A 329 -18.35 10.26 -5.83
C ALA A 329 -19.25 10.26 -4.60
N GLY A 330 -18.90 11.08 -3.62
CA GLY A 330 -19.64 11.23 -2.38
C GLY A 330 -20.86 12.13 -2.47
N ARG A 331 -21.31 12.64 -1.31
CA ARG A 331 -22.48 13.54 -1.21
C ARG A 331 -22.22 14.91 -1.87
N GLN A 332 -23.28 15.72 -2.04
CA GLN A 332 -23.16 17.06 -2.62
C GLN A 332 -22.39 18.01 -1.69
N ASP A 333 -22.50 17.80 -0.36
CA ASP A 333 -21.79 18.60 0.64
C ASP A 333 -20.30 18.27 0.64
N GLN A 334 -19.93 17.05 0.21
CA GLN A 334 -18.54 16.61 0.13
C GLN A 334 -17.92 17.19 -1.13
N ILE A 335 -18.68 17.19 -2.26
CA ILE A 335 -18.30 17.83 -3.52
C ILE A 335 -18.11 19.32 -3.24
N GLN A 336 -18.95 19.89 -2.37
CA GLN A 336 -18.89 21.31 -2.00
C GLN A 336 -17.59 21.63 -1.26
N GLN A 337 -17.12 20.73 -0.37
CA GLN A 337 -15.88 20.95 0.38
C GLN A 337 -14.64 20.87 -0.54
N VAL A 338 -14.75 20.15 -1.68
CA VAL A 338 -13.70 20.04 -2.71
C VAL A 338 -13.60 21.41 -3.41
N VAL A 339 -14.76 21.97 -3.78
CA VAL A 339 -14.90 23.29 -4.40
C VAL A 339 -14.29 24.36 -3.45
N ASN A 340 -14.66 24.32 -2.14
CA ASN A 340 -14.24 25.25 -1.08
C ASN A 340 -12.74 25.27 -0.83
N HIS A 341 -12.05 24.13 -1.02
CA HIS A 341 -10.60 24.00 -0.85
C HIS A 341 -9.85 24.36 -2.16
N GLY A 342 -10.58 24.93 -3.13
CA GLY A 342 -10.08 25.34 -4.44
C GLY A 342 -9.46 24.21 -5.26
N LEU A 343 -9.97 22.99 -5.09
CA LEU A 343 -9.42 21.80 -5.72
C LEU A 343 -9.93 21.55 -7.14
N VAL A 344 -11.00 22.24 -7.59
CA VAL A 344 -11.52 22.07 -8.95
C VAL A 344 -10.45 22.58 -9.96
N PRO A 345 -9.79 23.77 -9.81
CA PRO A 345 -8.72 24.12 -10.78
C PRO A 345 -7.57 23.10 -10.78
N PHE A 346 -7.30 22.41 -9.63
CA PHE A 346 -6.25 21.38 -9.55
C PHE A 346 -6.64 20.14 -10.34
N LEU A 347 -7.93 19.81 -10.38
CA LEU A 347 -8.42 18.70 -11.20
C LEU A 347 -8.36 19.11 -12.67
N VAL A 348 -8.65 20.38 -12.99
CA VAL A 348 -8.58 20.93 -14.35
C VAL A 348 -7.13 20.78 -14.87
N GLY A 349 -6.16 21.14 -14.04
CA GLY A 349 -4.78 21.01 -14.38
C GLY A 349 -4.29 19.58 -14.60
N VAL A 350 -4.64 18.65 -13.72
CA VAL A 350 -4.24 17.25 -13.91
C VAL A 350 -4.87 16.69 -15.18
N LEU A 351 -6.11 17.05 -15.43
CA LEU A 351 -6.78 16.65 -16.65
C LEU A 351 -6.06 17.21 -17.87
N SER A 352 -5.53 18.43 -17.75
CA SER A 352 -4.87 19.12 -18.87
C SER A 352 -3.49 18.54 -19.19
N LYS A 353 -2.70 18.21 -18.16
CA LYS A 353 -1.33 17.70 -18.26
C LYS A 353 -0.98 16.89 -17.03
N ALA A 354 -0.65 15.64 -17.25
CA ALA A 354 -0.25 14.64 -16.24
C ALA A 354 0.10 13.37 -16.95
N ASP A 355 0.47 12.34 -16.19
CA ASP A 355 0.68 11.03 -16.77
C ASP A 355 -0.72 10.54 -17.19
N PHE A 356 -0.82 9.75 -18.28
CA PHE A 356 -2.11 9.28 -18.80
C PHE A 356 -2.93 8.54 -17.72
N LYS A 357 -2.25 7.80 -16.81
CA LYS A 357 -2.90 7.08 -15.70
C LYS A 357 -3.55 8.07 -14.73
N THR A 358 -2.85 9.21 -14.45
CA THR A 358 -3.38 10.27 -13.59
C THR A 358 -4.53 10.97 -14.32
N GLN A 359 -4.37 11.22 -15.64
CA GLN A 359 -5.41 11.85 -16.47
C GLN A 359 -6.66 10.96 -16.54
N LYS A 360 -6.48 9.64 -16.48
CA LYS A 360 -7.55 8.64 -16.48
C LYS A 360 -8.35 8.71 -15.17
N GLU A 361 -7.66 8.92 -14.04
CA GLU A 361 -8.27 9.09 -12.71
C GLU A 361 -9.03 10.41 -12.64
N ALA A 362 -8.51 11.44 -13.34
CA ALA A 362 -9.08 12.77 -13.40
C ALA A 362 -10.39 12.77 -14.15
N ALA A 363 -10.50 11.97 -15.24
CA ALA A 363 -11.74 11.86 -15.99
C ALA A 363 -12.82 11.27 -15.07
N TRP A 364 -12.47 10.18 -14.34
CA TRP A 364 -13.30 9.52 -13.35
C TRP A 364 -13.78 10.49 -12.27
N ALA A 365 -12.88 11.39 -11.79
CA ALA A 365 -13.16 12.40 -10.78
C ALA A 365 -14.22 13.39 -11.25
N ILE A 366 -14.17 13.75 -12.55
CA ILE A 366 -15.10 14.69 -13.18
C ILE A 366 -16.46 14.00 -13.39
N THR A 367 -16.49 12.77 -13.91
CA THR A 367 -17.72 11.98 -14.14
C THR A 367 -18.45 11.76 -12.80
N ASN A 368 -17.71 11.49 -11.70
CA ASN A 368 -18.28 11.31 -10.37
C ASN A 368 -18.85 12.61 -9.82
N TYR A 369 -18.10 13.71 -10.02
CA TYR A 369 -18.48 15.07 -9.64
C TYR A 369 -19.81 15.46 -10.30
N THR A 370 -19.89 15.29 -11.64
CA THR A 370 -21.04 15.66 -12.48
C THR A 370 -22.23 14.72 -12.26
N SER A 371 -22.00 13.51 -11.75
CA SER A 371 -23.06 12.52 -11.47
C SER A 371 -23.88 12.96 -10.26
N GLY A 372 -23.21 13.22 -9.14
CA GLY A 372 -23.87 13.60 -7.89
C GLY A 372 -23.86 15.05 -7.47
N GLY A 373 -23.33 15.94 -8.32
CA GLY A 373 -23.24 17.37 -8.02
C GLY A 373 -24.44 18.19 -8.43
N THR A 374 -24.65 19.35 -7.77
CA THR A 374 -25.75 20.27 -8.10
C THR A 374 -25.47 20.94 -9.45
N VAL A 375 -26.48 21.62 -10.02
CA VAL A 375 -26.34 22.39 -11.26
C VAL A 375 -25.23 23.46 -11.06
N GLU A 376 -25.26 24.18 -9.90
CA GLU A 376 -24.32 25.25 -9.51
C GLU A 376 -22.89 24.74 -9.48
N GLN A 377 -22.69 23.54 -8.93
CA GLN A 377 -21.44 22.84 -8.82
C GLN A 377 -20.91 22.45 -10.22
N ILE A 378 -21.80 21.94 -11.11
CA ILE A 378 -21.42 21.54 -12.49
C ILE A 378 -21.09 22.79 -13.35
N VAL A 379 -21.87 23.87 -13.19
CA VAL A 379 -21.67 25.14 -13.91
C VAL A 379 -20.30 25.72 -13.54
N TYR A 380 -19.93 25.62 -12.25
CA TYR A 380 -18.65 26.09 -11.72
C TYR A 380 -17.45 25.34 -12.38
N LEU A 381 -17.64 24.04 -12.69
CA LEU A 381 -16.66 23.16 -13.34
C LEU A 381 -16.34 23.64 -14.78
N VAL A 382 -17.38 23.97 -15.57
CA VAL A 382 -17.28 24.50 -16.95
C VAL A 382 -16.57 25.86 -16.89
N HIS A 383 -16.96 26.71 -15.92
CA HIS A 383 -16.38 28.03 -15.72
C HIS A 383 -14.88 27.94 -15.38
N CYS A 384 -14.43 26.85 -14.72
CA CYS A 384 -13.03 26.64 -14.36
C CYS A 384 -12.18 26.08 -15.53
N GLY A 385 -12.83 25.84 -16.68
CA GLY A 385 -12.23 25.38 -17.91
C GLY A 385 -12.09 23.87 -18.02
N ILE A 386 -13.18 23.13 -17.79
CA ILE A 386 -13.10 21.67 -17.84
C ILE A 386 -13.32 21.14 -19.26
N ILE A 387 -14.09 21.85 -20.11
CA ILE A 387 -14.50 21.38 -21.44
C ILE A 387 -13.31 21.08 -22.37
N GLU A 388 -12.38 22.05 -22.54
CA GLU A 388 -11.22 21.89 -23.43
C GLU A 388 -10.32 20.68 -23.02
N PRO A 389 -9.74 20.57 -21.79
CA PRO A 389 -8.90 19.39 -21.47
C PRO A 389 -9.66 18.06 -21.52
N LEU A 390 -10.99 18.10 -21.31
CA LEU A 390 -11.89 16.94 -21.37
C LEU A 390 -12.03 16.46 -22.83
N MET A 391 -12.16 17.42 -23.78
CA MET A 391 -12.27 17.14 -25.22
C MET A 391 -10.96 16.59 -25.80
N ASN A 392 -9.81 17.14 -25.34
CA ASN A 392 -8.49 16.72 -25.82
C ASN A 392 -8.18 15.26 -25.44
N LEU A 393 -8.83 14.75 -24.38
CA LEU A 393 -8.64 13.38 -23.94
C LEU A 393 -9.51 12.38 -24.74
N LEU A 394 -10.28 12.89 -25.69
CA LEU A 394 -11.12 12.06 -26.54
C LEU A 394 -10.34 11.54 -27.73
N SER A 395 -9.08 11.94 -27.83
CA SER A 395 -8.18 11.45 -28.86
C SER A 395 -7.44 10.20 -28.41
N ALA A 396 -7.70 9.77 -27.17
CA ALA A 396 -7.02 8.63 -26.57
C ALA A 396 -7.37 7.30 -27.21
N LYS A 397 -6.41 6.37 -27.22
CA LYS A 397 -6.64 5.04 -27.81
C LYS A 397 -7.14 4.03 -26.74
N ASP A 398 -7.68 4.55 -25.62
CA ASP A 398 -8.25 3.79 -24.51
C ASP A 398 -9.77 3.98 -24.53
N THR A 399 -10.54 2.89 -24.72
CA THR A 399 -12.01 2.95 -24.80
C THR A 399 -12.65 3.34 -23.46
N LYS A 400 -12.10 2.85 -22.33
CA LYS A 400 -12.63 3.14 -21.00
C LYS A 400 -12.62 4.65 -20.66
N ILE A 401 -11.52 5.37 -20.96
CA ILE A 401 -11.44 6.80 -20.69
C ILE A 401 -12.47 7.55 -21.58
N ILE A 402 -12.61 7.16 -22.87
CA ILE A 402 -13.58 7.73 -23.81
C ILE A 402 -15.00 7.60 -23.23
N GLN A 403 -15.34 6.40 -22.69
CA GLN A 403 -16.62 6.09 -22.06
C GLN A 403 -16.90 7.02 -20.88
N VAL A 404 -15.88 7.21 -20.02
CA VAL A 404 -15.93 8.06 -18.81
C VAL A 404 -16.16 9.53 -19.22
N ILE A 405 -15.43 10.03 -20.26
CA ILE A 405 -15.56 11.41 -20.76
C ILE A 405 -16.96 11.64 -21.33
N LEU A 406 -17.47 10.71 -22.18
CA LEU A 406 -18.80 10.83 -22.79
C LEU A 406 -19.92 10.87 -21.75
N ASP A 407 -19.75 10.16 -20.61
CA ASP A 407 -20.73 10.17 -19.51
C ASP A 407 -20.69 11.50 -18.79
N ALA A 408 -19.48 12.10 -18.61
CA ALA A 408 -19.28 13.40 -17.98
C ALA A 408 -19.95 14.51 -18.80
N ILE A 409 -19.78 14.48 -20.15
CA ILE A 409 -20.36 15.44 -21.12
C ILE A 409 -21.89 15.36 -21.04
N SER A 410 -22.45 14.13 -20.96
CA SER A 410 -23.88 13.87 -20.83
C SER A 410 -24.41 14.52 -19.55
N ASN A 411 -23.68 14.36 -18.44
CA ASN A 411 -24.03 14.95 -17.13
C ASN A 411 -23.94 16.49 -17.14
N ILE A 412 -23.04 17.06 -17.97
CA ILE A 412 -22.87 18.50 -18.08
C ILE A 412 -24.01 19.07 -18.96
N PHE A 413 -24.43 18.32 -19.99
CA PHE A 413 -25.54 18.73 -20.86
C PHE A 413 -26.88 18.72 -20.12
N GLN A 414 -27.05 17.81 -19.13
CA GLN A 414 -28.27 17.69 -18.32
C GLN A 414 -28.41 18.93 -17.42
N ALA A 415 -27.28 19.45 -16.91
CA ALA A 415 -27.26 20.67 -16.08
C ALA A 415 -27.54 21.91 -16.96
N ALA A 416 -27.08 21.87 -18.22
CA ALA A 416 -27.30 22.92 -19.23
C ALA A 416 -28.75 22.93 -19.70
N GLU A 417 -29.42 21.76 -19.70
CA GLU A 417 -30.84 21.60 -20.07
C GLU A 417 -31.73 22.28 -19.04
N LYS A 418 -31.35 22.18 -17.75
CA LYS A 418 -32.06 22.76 -16.60
C LYS A 418 -31.96 24.30 -16.56
N LEU A 419 -30.98 24.90 -17.27
CA LEU A 419 -30.78 26.36 -17.32
C LEU A 419 -31.13 26.97 -18.70
N GLY A 420 -31.43 26.12 -19.68
CA GLY A 420 -31.75 26.54 -21.04
C GLY A 420 -30.54 27.10 -21.77
N GLU A 421 -29.35 26.55 -21.46
CA GLU A 421 -28.06 26.97 -22.03
C GLU A 421 -27.39 25.76 -22.73
N THR A 422 -28.16 25.02 -23.55
CA THR A 422 -27.65 23.86 -24.28
C THR A 422 -26.84 24.30 -25.51
N GLU A 423 -27.32 25.35 -26.22
CA GLU A 423 -26.65 25.91 -27.40
C GLU A 423 -25.30 26.53 -27.02
N LYS A 424 -25.25 27.22 -25.86
CA LYS A 424 -24.03 27.86 -25.32
C LYS A 424 -22.90 26.82 -25.14
N LEU A 425 -23.22 25.65 -24.56
CA LEU A 425 -22.28 24.55 -24.36
C LEU A 425 -21.98 23.83 -25.69
N SER A 426 -22.96 23.76 -26.61
CA SER A 426 -22.80 23.13 -27.92
C SER A 426 -21.75 23.87 -28.77
N ILE A 427 -21.78 25.22 -28.77
CA ILE A 427 -20.82 26.07 -29.50
C ILE A 427 -19.46 25.99 -28.79
N MET A 428 -19.48 25.97 -27.44
CA MET A 428 -18.30 25.84 -26.57
C MET A 428 -17.51 24.57 -26.88
N ILE A 429 -18.23 23.46 -27.16
CA ILE A 429 -17.65 22.16 -27.52
C ILE A 429 -17.19 22.20 -29.00
N GLU A 430 -17.90 22.95 -29.85
CA GLU A 430 -17.55 23.09 -31.27
C GLU A 430 -16.29 23.96 -31.48
N GLU A 431 -16.12 25.03 -30.65
CA GLU A 431 -15.00 25.99 -30.71
C GLU A 431 -13.63 25.35 -30.44
N CYS A 432 -13.55 24.44 -29.45
CA CYS A 432 -12.29 23.78 -29.06
C CYS A 432 -12.09 22.44 -29.83
N GLY A 433 -12.86 22.24 -30.90
CA GLY A 433 -12.78 21.04 -31.74
C GLY A 433 -13.23 19.76 -31.07
N GLY A 434 -14.10 19.92 -30.09
CA GLY A 434 -14.74 18.81 -29.38
C GLY A 434 -15.70 18.00 -30.21
N LEU A 435 -16.48 18.70 -31.01
CA LEU A 435 -17.51 18.08 -31.82
C LEU A 435 -16.92 17.11 -32.84
N ASP A 436 -15.81 17.50 -33.44
CA ASP A 436 -15.21 16.66 -34.46
C ASP A 436 -14.82 15.35 -33.83
N LYS A 437 -14.30 15.44 -32.63
CA LYS A 437 -13.80 14.26 -31.90
C LYS A 437 -14.94 13.28 -31.63
N ILE A 438 -16.15 13.78 -31.31
CA ILE A 438 -17.35 12.98 -31.05
C ILE A 438 -17.89 12.43 -32.41
N GLU A 439 -17.71 13.21 -33.50
CA GLU A 439 -18.11 12.81 -34.87
C GLU A 439 -17.39 11.54 -35.33
N ALA A 440 -16.08 11.45 -35.01
CA ALA A 440 -15.23 10.29 -35.34
C ALA A 440 -15.57 9.08 -34.46
N LEU A 441 -16.04 9.33 -33.21
CA LEU A 441 -16.41 8.27 -32.25
C LEU A 441 -17.76 7.60 -32.59
N GLN A 442 -18.48 8.12 -33.61
CA GLN A 442 -19.73 7.55 -34.12
C GLN A 442 -19.44 6.28 -34.93
N ARG A 443 -18.21 6.19 -35.47
CA ARG A 443 -17.69 5.06 -36.25
C ARG A 443 -16.56 4.39 -35.44
N HIS A 444 -16.91 3.91 -34.23
CA HIS A 444 -15.98 3.27 -33.30
C HIS A 444 -16.34 1.79 -33.05
N GLU A 445 -15.33 0.99 -32.64
CA GLU A 445 -15.43 -0.44 -32.37
C GLU A 445 -16.40 -0.76 -31.21
N ASN A 446 -16.26 -0.05 -30.06
CA ASN A 446 -17.09 -0.25 -28.87
C ASN A 446 -18.52 0.25 -29.12
N GLU A 447 -19.52 -0.53 -28.67
CA GLU A 447 -20.95 -0.22 -28.81
C GLU A 447 -21.35 0.93 -27.89
N SER A 448 -20.90 0.91 -26.63
CA SER A 448 -21.19 1.92 -25.60
C SER A 448 -20.63 3.30 -26.00
N VAL A 449 -19.51 3.31 -26.74
CA VAL A 449 -18.85 4.53 -27.26
C VAL A 449 -19.66 5.03 -28.47
N TYR A 450 -20.04 4.11 -29.38
CA TYR A 450 -20.82 4.35 -30.60
C TYR A 450 -22.21 4.92 -30.28
N LYS A 451 -22.90 4.38 -29.24
CA LYS A 451 -24.23 4.80 -28.82
C LYS A 451 -24.24 6.22 -28.24
N ALA A 452 -23.44 6.47 -27.18
CA ALA A 452 -23.33 7.75 -26.46
C ALA A 452 -22.92 8.91 -27.39
N SER A 453 -21.98 8.67 -28.33
CA SER A 453 -21.47 9.68 -29.26
C SER A 453 -22.54 10.12 -30.26
N LEU A 454 -23.25 9.14 -30.87
CA LEU A 454 -24.33 9.38 -31.84
C LEU A 454 -25.52 10.06 -31.16
N ASN A 455 -25.78 9.73 -29.87
CA ASN A 455 -26.87 10.28 -29.06
C ASN A 455 -26.69 11.78 -28.79
N LEU A 456 -25.47 12.22 -28.43
CA LEU A 456 -25.15 13.63 -28.12
C LEU A 456 -25.29 14.54 -29.35
N ILE A 457 -24.89 14.03 -30.54
CA ILE A 457 -24.94 14.76 -31.82
C ILE A 457 -26.40 14.98 -32.27
N GLU A 458 -27.26 13.97 -32.15
CA GLU A 458 -28.67 14.11 -32.56
C GLU A 458 -29.49 14.90 -31.53
N LYS A 459 -29.08 14.90 -30.24
CA LYS A 459 -29.78 15.56 -29.14
C LYS A 459 -29.35 17.01 -28.91
N TYR A 460 -28.12 17.40 -29.29
CA TYR A 460 -27.66 18.77 -29.01
C TYR A 460 -26.97 19.47 -30.19
N PHE A 461 -26.47 18.72 -31.19
CA PHE A 461 -25.76 19.31 -32.32
C PHE A 461 -26.51 19.14 -33.66
N LEU B 3 8.68 -4.05 2.32
CA LEU B 3 7.95 -4.58 1.17
C LEU B 3 8.52 -5.90 0.66
N GLY B 4 7.75 -6.96 0.88
CA GLY B 4 8.15 -8.30 0.51
C GLY B 4 9.05 -8.86 1.60
N LYS B 5 10.23 -9.28 1.19
CA LYS B 5 11.18 -9.87 2.12
C LYS B 5 12.45 -9.03 2.21
N ARG B 6 13.09 -9.09 3.37
CA ARG B 6 14.30 -8.34 3.67
C ARG B 6 15.42 -9.28 4.18
N LYS B 7 16.56 -9.32 3.46
CA LYS B 7 17.76 -10.11 3.84
C LYS B 7 18.71 -9.29 4.73
N ARG B 8 19.39 -9.94 5.68
CA ARG B 8 20.37 -9.25 6.54
C ARG B 8 21.77 -9.24 5.90
N HIS B 9 22.36 -8.03 5.72
CA HIS B 9 23.71 -7.77 5.19
C HIS B 9 23.87 -8.27 3.74
N GLY C 4 -19.79 5.34 -8.90
CA GLY C 4 -19.61 5.43 -7.46
C GLY C 4 -18.19 5.21 -7.02
N LYS C 5 -18.02 4.83 -5.76
CA LYS C 5 -16.70 4.61 -5.18
C LYS C 5 -16.03 3.32 -5.69
N ARG C 6 -14.74 3.41 -5.94
CA ARG C 6 -13.95 2.32 -6.51
C ARG C 6 -12.82 1.91 -5.57
N LYS C 7 -12.71 0.62 -5.30
CA LYS C 7 -11.63 0.13 -4.46
C LYS C 7 -10.35 -0.02 -5.28
N ARG C 8 -9.26 -0.37 -4.62
CA ARG C 8 -8.00 -0.58 -5.30
C ARG C 8 -8.18 -1.46 -6.54
#